data_7P8P
#
_entry.id   7P8P
#
_cell.length_a   52.422
_cell.length_b   61.736
_cell.length_c   198.009
_cell.angle_alpha   90.000
_cell.angle_beta   90.000
_cell.angle_gamma   90.000
#
_symmetry.space_group_name_H-M   'P 21 21 21'
#
loop_
_entity.id
_entity.type
_entity.pdbx_description
1 polymer "Bis(5'-adenosyl)-triphosphatase"
2 non-polymer '[(2~{R},3~{S},4~{R},5~{R})-5-[6-(ethylamino)purin-9-yl]-3,4-bis(oxidanyl)oxolan-2-yl]methyl dihydrogen phosphate'
3 non-polymer 'SODIUM ION'
4 non-polymer 2-AMINO-2-HYDROXYMETHYL-PROPANE-1,3-DIOL
5 water water
#
_entity_poly.entity_id   1
_entity_poly.type   'polypeptide(L)'
_entity_poly.pdbx_seq_one_letter_code
;MSFRFGQCLIKPSVVFLKTELSFALVNRKPVVPGHVLVCPLRPVERFHDLRPDEVADLFQTTQRVGTVVEKHFHGTSLTF
SMQDGPEAGQTVKHVNVHVLPRKAGDFHRNDSIYEELQKHDKEDFPASWRSEEEMAAEAAALRVYFQHHHHHHAAWSQAQ
FEK
;
_entity_poly.pdbx_strand_id   A,B,C,D
#
loop_
_chem_comp.id
_chem_comp.type
_chem_comp.name
_chem_comp.formula
6BI non-polymer '[(2~{R},3~{S},4~{R},5~{R})-5-[6-(ethylamino)purin-9-yl]-3,4-bis(oxidanyl)oxolan-2-yl]methyl dihydrogen phosphate' 'C18 H28 Cl N6 O8 P'
NA non-polymer 'SODIUM ION' 'Na 1'
TRS non-polymer 2-AMINO-2-HYDROXYMETHYL-PROPANE-1,3-DIOL 'C4 H12 N O3 1'
#
# COMPACT_ATOMS: atom_id res chain seq x y z
N SER A 2 -3.79 -11.64 11.77
CA SER A 2 -3.54 -10.35 11.13
C SER A 2 -2.59 -9.53 11.98
N PHE A 3 -1.38 -9.31 11.46
CA PHE A 3 -0.35 -8.51 12.10
C PHE A 3 -0.33 -7.13 11.45
N ARG A 4 0.03 -6.13 12.23
CA ARG A 4 0.04 -4.76 11.74
C ARG A 4 1.46 -4.28 11.47
N PHE A 5 1.67 -3.78 10.26
CA PHE A 5 2.94 -3.20 9.81
C PHE A 5 2.61 -1.87 9.14
N GLY A 6 2.73 -0.78 9.89
CA GLY A 6 2.34 0.52 9.35
C GLY A 6 0.84 0.56 9.14
N GLN A 7 0.42 0.90 7.92
CA GLN A 7 -1.00 0.84 7.59
C GLN A 7 -1.38 -0.48 6.94
N CYS A 8 -0.48 -1.45 6.88
CA CYS A 8 -0.76 -2.69 6.18
C CYS A 8 -1.08 -3.77 7.19
N LEU A 9 -2.04 -4.64 6.84
CA LEU A 9 -2.35 -5.82 7.64
C LEU A 9 -1.58 -6.98 7.01
N ILE A 10 -0.68 -7.56 7.77
CA ILE A 10 0.16 -8.65 7.29
C ILE A 10 -0.57 -9.96 7.55
N LYS A 11 -0.69 -10.79 6.52
CA LYS A 11 -1.26 -12.11 6.72
C LYS A 11 -0.35 -12.96 7.60
N PRO A 12 -0.90 -13.74 8.54
CA PRO A 12 -0.03 -14.60 9.36
C PRO A 12 0.82 -15.55 8.53
N SER A 13 0.37 -15.91 7.34
CA SER A 13 1.08 -16.88 6.51
C SER A 13 2.47 -16.41 6.13
N VAL A 14 2.72 -15.10 6.11
CA VAL A 14 4.03 -14.56 5.74
C VAL A 14 4.85 -14.13 6.97
N VAL A 15 4.36 -14.41 8.17
CA VAL A 15 5.09 -14.12 9.40
C VAL A 15 5.68 -15.43 9.91
N PHE A 16 6.97 -15.42 10.25
CA PHE A 16 7.65 -16.63 10.70
C PHE A 16 8.17 -16.55 12.12
N LEU A 17 8.01 -15.43 12.81
CA LEU A 17 8.41 -15.37 14.21
C LEU A 17 7.59 -14.31 14.92
N LYS A 18 7.15 -14.65 16.12
CA LYS A 18 6.45 -13.72 16.98
C LYS A 18 6.95 -13.91 18.41
N THR A 19 7.42 -12.84 19.02
CA THR A 19 7.82 -12.86 20.41
C THR A 19 6.72 -12.16 21.22
N GLU A 20 7.00 -11.87 22.49
CA GLU A 20 6.01 -11.16 23.29
C GLU A 20 5.88 -9.71 22.81
N LEU A 21 6.96 -9.14 22.26
CA LEU A 21 6.94 -7.74 21.86
C LEU A 21 7.33 -7.49 20.41
N SER A 22 7.79 -8.50 19.67
CA SER A 22 8.26 -8.31 18.31
C SER A 22 7.69 -9.37 17.39
N PHE A 23 7.92 -9.20 16.09
CA PHE A 23 7.54 -10.20 15.11
C PHE A 23 8.34 -9.96 13.84
N ALA A 24 8.54 -11.02 13.08
CA ALA A 24 9.36 -10.98 11.88
C ALA A 24 8.54 -11.46 10.69
N LEU A 25 8.73 -10.82 9.55
CA LEU A 25 7.97 -11.14 8.36
C LEU A 25 8.89 -11.16 7.16
N VAL A 26 8.44 -11.85 6.12
CA VAL A 26 9.20 -11.89 4.87
C VAL A 26 8.86 -10.67 4.02
N ASN A 27 9.77 -10.35 3.11
CA ASN A 27 9.67 -9.13 2.31
C ASN A 27 8.95 -9.43 1.00
N ARG A 28 8.08 -8.51 0.58
CA ARG A 28 7.44 -8.63 -0.71
C ARG A 28 8.37 -8.23 -1.84
N LYS A 29 9.43 -7.45 -1.52
CA LYS A 29 10.31 -6.85 -2.52
C LYS A 29 11.72 -6.95 -1.97
N PRO A 30 12.24 -8.21 -1.92
CA PRO A 30 13.55 -8.39 -1.27
C PRO A 30 14.66 -7.83 -2.13
N VAL A 31 15.65 -7.25 -1.47
CA VAL A 31 16.81 -6.67 -2.15
C VAL A 31 17.82 -7.77 -2.47
N VAL A 32 17.92 -8.76 -1.60
CA VAL A 32 18.65 -10.00 -1.85
C VAL A 32 17.83 -11.15 -1.30
N PRO A 33 18.15 -12.38 -1.70
CA PRO A 33 17.44 -13.53 -1.11
C PRO A 33 17.59 -13.53 0.40
N GLY A 34 16.47 -13.72 1.10
CA GLY A 34 16.50 -13.73 2.55
C GLY A 34 16.43 -12.38 3.21
N HIS A 35 16.20 -11.32 2.45
CA HIS A 35 15.98 -10.00 3.02
C HIS A 35 14.66 -10.03 3.79
N VAL A 36 14.73 -9.96 5.11
CA VAL A 36 13.57 -10.04 5.98
C VAL A 36 13.48 -8.78 6.85
N LEU A 37 12.35 -8.63 7.54
CA LEU A 37 12.06 -7.45 8.35
C LEU A 37 11.71 -7.87 9.77
N VAL A 38 12.21 -7.15 10.75
CA VAL A 38 11.90 -7.37 12.16
C VAL A 38 11.32 -6.10 12.74
N CYS A 39 10.18 -6.22 13.42
CA CYS A 39 9.42 -5.07 13.86
C CYS A 39 8.90 -5.25 15.28
N PRO A 40 8.69 -4.14 16.00
CA PRO A 40 7.85 -4.21 17.20
C PRO A 40 6.40 -4.45 16.83
N LEU A 41 5.70 -5.19 17.70
CA LEU A 41 4.27 -5.41 17.53
C LEU A 41 3.51 -4.09 17.67
N ARG A 42 4.04 -3.17 18.46
CA ARG A 42 3.44 -1.85 18.61
C ARG A 42 3.88 -0.96 17.44
N PRO A 43 2.93 -0.38 16.70
CA PRO A 43 3.33 0.43 15.54
C PRO A 43 3.75 1.83 15.95
N VAL A 44 5.05 1.99 16.20
CA VAL A 44 5.65 3.29 16.50
C VAL A 44 6.46 3.68 15.28
N GLU A 45 6.44 4.96 14.94
CA GLU A 45 7.13 5.38 13.72
C GLU A 45 8.64 5.47 13.92
N ARG A 46 9.08 6.07 15.02
CA ARG A 46 10.49 6.38 15.25
C ARG A 46 11.09 5.47 16.32
N PHE A 47 12.37 5.16 16.13
CA PHE A 47 13.08 4.25 17.03
C PHE A 47 13.07 4.74 18.46
N HIS A 48 13.21 6.06 18.67
CA HIS A 48 13.26 6.58 20.04
C HIS A 48 11.93 6.47 20.79
N ASP A 49 10.83 6.14 20.10
CA ASP A 49 9.54 5.98 20.76
C ASP A 49 9.38 4.62 21.45
N LEU A 50 10.31 3.69 21.23
CA LEU A 50 10.21 2.37 21.82
C LEU A 50 10.71 2.40 23.26
N ARG A 51 9.99 1.67 24.13
CA ARG A 51 10.43 1.49 25.50
C ARG A 51 11.70 0.63 25.54
N PRO A 52 12.42 0.64 26.67
CA PRO A 52 13.63 -0.20 26.74
C PRO A 52 13.35 -1.70 26.61
N ASP A 53 12.29 -2.23 27.22
CA ASP A 53 12.03 -3.65 27.05
C ASP A 53 11.73 -3.96 25.59
N GLU A 54 11.11 -3.03 24.87
CA GLU A 54 10.87 -3.23 23.44
C GLU A 54 12.15 -3.18 22.62
N VAL A 55 13.09 -2.29 22.99
CA VAL A 55 14.34 -2.22 22.24
C VAL A 55 15.12 -3.53 22.41
N ALA A 56 15.20 -4.03 23.63
CA ALA A 56 15.90 -5.29 23.89
C ALA A 56 15.26 -6.43 23.11
N ASP A 57 13.95 -6.63 23.29
CA ASP A 57 13.27 -7.71 22.59
C ASP A 57 13.43 -7.58 21.08
N LEU A 58 13.30 -6.36 20.55
CA LEU A 58 13.41 -6.16 19.11
C LEU A 58 14.74 -6.65 18.59
N PHE A 59 15.84 -6.41 19.30
CA PHE A 59 17.15 -6.74 18.75
C PHE A 59 17.69 -8.08 19.20
N GLN A 60 17.26 -8.61 20.33
CA GLN A 60 17.48 -10.02 20.61
C GLN A 60 16.80 -10.87 19.55
N THR A 61 15.58 -10.51 19.16
CA THR A 61 14.92 -11.17 18.04
C THR A 61 15.73 -11.01 16.75
N THR A 62 16.17 -9.78 16.48
CA THR A 62 16.94 -9.54 15.26
C THR A 62 18.17 -10.43 15.20
N GLN A 63 18.83 -10.64 16.34
CA GLN A 63 19.97 -11.55 16.39
C GLN A 63 19.54 -12.96 16.01
N ARG A 64 18.45 -13.45 16.62
CA ARG A 64 17.94 -14.78 16.28
C ARG A 64 17.58 -14.87 14.81
N VAL A 65 16.87 -13.86 14.29
CA VAL A 65 16.40 -13.92 12.92
C VAL A 65 17.59 -13.86 11.96
N GLY A 66 18.57 -13.03 12.28
CA GLY A 66 19.74 -12.93 11.42
C GLY A 66 20.51 -14.24 11.33
N THR A 67 20.65 -14.93 12.47
CA THR A 67 21.37 -16.20 12.45
C THR A 67 20.66 -17.22 11.57
N VAL A 68 19.32 -17.17 11.54
CA VAL A 68 18.57 -18.13 10.76
C VAL A 68 18.69 -17.86 9.26
N VAL A 69 18.51 -16.60 8.85
CA VAL A 69 18.52 -16.31 7.43
C VAL A 69 19.92 -16.50 6.84
N GLU A 70 20.95 -16.26 7.64
CA GLU A 70 22.31 -16.56 7.19
C GLU A 70 22.48 -18.03 6.87
N LYS A 71 21.96 -18.91 7.74
CA LYS A 71 22.06 -20.34 7.48
C LYS A 71 21.26 -20.72 6.25
N HIS A 72 19.96 -20.37 6.26
CA HIS A 72 19.03 -20.88 5.25
C HIS A 72 19.40 -20.40 3.86
N PHE A 73 19.82 -19.15 3.73
CA PHE A 73 20.18 -18.57 2.44
C PHE A 73 21.67 -18.67 2.18
N HIS A 74 22.38 -19.46 2.99
CA HIS A 74 23.79 -19.74 2.78
C HIS A 74 24.61 -18.46 2.64
N GLY A 75 24.39 -17.55 3.57
CA GLY A 75 25.21 -16.36 3.66
C GLY A 75 26.43 -16.57 4.54
N THR A 76 27.42 -15.71 4.39
CA THR A 76 28.60 -15.70 5.25
C THR A 76 28.71 -14.44 6.09
N SER A 77 27.82 -13.46 5.89
CA SER A 77 27.77 -12.27 6.73
C SER A 77 26.34 -11.74 6.69
N LEU A 78 26.08 -10.70 7.47
CA LEU A 78 24.75 -10.11 7.53
C LEU A 78 24.85 -8.59 7.53
N THR A 79 23.88 -7.95 6.89
CA THR A 79 23.70 -6.51 6.96
C THR A 79 22.43 -6.24 7.76
N PHE A 80 22.55 -5.47 8.83
CA PHE A 80 21.41 -4.99 9.61
C PHE A 80 21.27 -3.50 9.35
N SER A 81 20.04 -3.05 9.07
CA SER A 81 19.84 -1.65 8.73
C SER A 81 18.46 -1.19 9.16
N MET A 82 18.41 0.01 9.73
CA MET A 82 17.16 0.63 10.17
C MET A 82 17.11 2.05 9.61
N GLN A 83 16.09 2.33 8.81
CA GLN A 83 15.87 3.65 8.21
C GLN A 83 14.90 4.39 9.13
N ASP A 84 15.45 5.08 10.13
CA ASP A 84 14.66 5.64 11.22
C ASP A 84 14.27 7.07 10.87
N GLY A 85 13.23 7.18 10.03
CA GLY A 85 12.64 8.46 9.70
C GLY A 85 12.66 8.75 8.21
N PRO A 86 11.85 9.72 7.79
CA PRO A 86 11.69 9.96 6.34
C PRO A 86 12.98 10.34 5.63
N GLU A 87 13.80 11.18 6.25
CA GLU A 87 15.02 11.62 5.58
C GLU A 87 16.09 10.54 5.59
N ALA A 88 15.78 9.38 6.17
CA ALA A 88 16.65 8.21 6.12
C ALA A 88 16.12 7.14 5.18
N GLY A 89 15.01 7.41 4.47
CA GLY A 89 14.50 6.50 3.47
C GLY A 89 13.26 5.74 3.86
N GLN A 90 12.71 5.98 5.05
CA GLN A 90 11.58 5.19 5.53
C GLN A 90 10.42 5.30 4.55
N THR A 91 9.93 4.14 4.11
CA THR A 91 8.70 4.05 3.32
C THR A 91 7.51 3.75 4.22
N VAL A 92 7.63 2.72 5.06
CA VAL A 92 6.59 2.34 6.01
C VAL A 92 6.85 3.05 7.34
N LYS A 93 5.82 3.74 7.85
CA LYS A 93 5.94 4.49 9.11
C LYS A 93 5.78 3.55 10.31
N HIS A 94 6.81 2.74 10.52
CA HIS A 94 6.81 1.70 11.54
C HIS A 94 8.26 1.25 11.69
N VAL A 95 8.78 1.22 12.91
CA VAL A 95 10.16 0.79 13.11
C VAL A 95 10.30 -0.62 12.57
N ASN A 96 11.33 -0.84 11.75
CA ASN A 96 11.63 -2.17 11.26
C ASN A 96 13.12 -2.28 10.99
N VAL A 97 13.70 -3.43 11.32
CA VAL A 97 15.10 -3.70 11.08
C VAL A 97 15.19 -4.54 9.81
N HIS A 98 15.99 -4.08 8.85
CA HIS A 98 16.26 -4.86 7.67
C HIS A 98 17.40 -5.84 7.98
N VAL A 99 17.16 -7.11 7.69
CA VAL A 99 18.13 -8.18 7.94
C VAL A 99 18.39 -8.88 6.63
N LEU A 100 19.62 -8.78 6.13
CA LEU A 100 19.97 -9.29 4.82
C LEU A 100 21.11 -10.30 4.88
N PRO A 101 20.92 -11.53 4.40
CA PRO A 101 22.07 -12.41 4.19
C PRO A 101 22.97 -11.84 3.11
N ARG A 102 24.28 -11.96 3.31
CA ARG A 102 25.27 -11.45 2.38
C ARG A 102 26.17 -12.57 1.90
N LYS A 103 26.54 -12.52 0.63
CA LYS A 103 27.44 -13.47 0.00
C LYS A 103 28.54 -12.70 -0.71
N ALA A 104 29.73 -13.31 -0.81
CA ALA A 104 30.80 -12.75 -1.61
C ALA A 104 30.28 -12.43 -3.01
N GLY A 105 30.42 -11.18 -3.42
CA GLY A 105 30.09 -10.79 -4.77
C GLY A 105 28.64 -10.45 -5.04
N ASP A 106 27.81 -10.35 -4.00
CA ASP A 106 26.38 -10.15 -4.25
C ASP A 106 26.11 -8.80 -4.88
N PHE A 107 26.87 -7.77 -4.48
CA PHE A 107 26.73 -6.44 -5.06
C PHE A 107 27.93 -6.01 -5.89
N HIS A 108 29.14 -6.05 -5.33
CA HIS A 108 30.37 -5.68 -6.04
C HIS A 108 30.28 -4.18 -6.34
N SER A 128 7.00 -5.45 -9.68
CA SER A 128 8.19 -6.25 -9.47
C SER A 128 8.12 -6.91 -8.10
N TRP A 129 6.95 -7.45 -7.78
CA TRP A 129 6.71 -7.93 -6.43
C TRP A 129 6.54 -9.42 -6.42
N ARG A 130 6.80 -10.00 -5.26
CA ARG A 130 6.65 -11.43 -5.08
C ARG A 130 5.18 -11.81 -4.88
N SER A 131 4.90 -13.06 -5.21
CA SER A 131 3.57 -13.62 -5.04
C SER A 131 3.36 -14.03 -3.59
N GLU A 132 2.10 -14.11 -3.19
CA GLU A 132 1.81 -14.53 -1.83
C GLU A 132 2.37 -15.92 -1.53
N GLU A 133 2.21 -16.86 -2.47
CA GLU A 133 2.64 -18.23 -2.21
C GLU A 133 4.17 -18.33 -2.12
N GLU A 134 4.89 -17.63 -2.99
CA GLU A 134 6.34 -17.62 -2.88
C GLU A 134 6.75 -17.08 -1.51
N MET A 135 6.06 -16.04 -1.03
CA MET A 135 6.35 -15.49 0.29
C MET A 135 5.92 -16.46 1.39
N ALA A 136 4.72 -17.05 1.25
CA ALA A 136 4.26 -18.02 2.24
C ALA A 136 5.17 -19.24 2.26
N ALA A 137 5.75 -19.59 1.13
CA ALA A 137 6.70 -20.70 1.11
C ALA A 137 7.95 -20.36 1.91
N GLU A 138 8.49 -19.15 1.72
CA GLU A 138 9.69 -18.75 2.44
C GLU A 138 9.43 -18.66 3.94
N ALA A 139 8.30 -18.07 4.33
CA ALA A 139 7.96 -18.00 5.75
C ALA A 139 7.86 -19.39 6.34
N ALA A 140 7.21 -20.31 5.64
CA ALA A 140 7.10 -21.68 6.14
C ALA A 140 8.47 -22.29 6.37
N ALA A 141 9.42 -22.03 5.46
CA ALA A 141 10.76 -22.59 5.63
C ALA A 141 11.44 -22.01 6.86
N LEU A 142 11.37 -20.69 7.05
CA LEU A 142 12.09 -20.08 8.17
C LEU A 142 11.46 -20.44 9.51
N ARG A 143 10.14 -20.67 9.55
CA ARG A 143 9.54 -21.07 10.81
C ARG A 143 10.15 -22.33 11.37
N VAL A 144 10.58 -23.24 10.49
CA VAL A 144 11.13 -24.51 10.95
C VAL A 144 12.36 -24.28 11.82
N TYR A 145 13.07 -23.18 11.58
CA TYR A 145 14.29 -22.93 12.34
C TYR A 145 13.99 -22.49 13.77
N PHE A 146 12.78 -22.05 14.07
CA PHE A 146 12.43 -21.66 15.42
C PHE A 146 11.55 -22.71 16.08
N GLN A 147 11.53 -23.92 15.52
CA GLN A 147 10.84 -25.06 16.10
C GLN A 147 11.76 -25.91 16.96
N HIS A 148 13.08 -25.71 16.88
CA HIS A 148 14.00 -26.36 17.79
C HIS A 148 13.95 -27.88 17.65
N SER B 2 -44.39 0.28 -21.46
CA SER B 2 -43.39 0.21 -22.53
C SER B 2 -42.02 0.55 -21.96
N PHE B 3 -40.97 0.30 -22.73
CA PHE B 3 -39.61 0.62 -22.31
C PHE B 3 -39.09 1.81 -23.10
N ARG B 4 -38.47 2.75 -22.39
CA ARG B 4 -37.85 3.94 -22.95
C ARG B 4 -36.36 3.90 -22.68
N PHE B 5 -35.57 4.21 -23.71
CA PHE B 5 -34.11 4.37 -23.55
C PHE B 5 -33.78 5.71 -24.21
N GLY B 6 -33.66 6.74 -23.38
CA GLY B 6 -33.51 8.10 -23.89
C GLY B 6 -34.78 8.56 -24.54
N GLN B 7 -34.68 9.07 -25.76
CA GLN B 7 -35.83 9.53 -26.53
C GLN B 7 -36.41 8.42 -27.40
N CYS B 8 -35.93 7.19 -27.24
CA CYS B 8 -36.29 6.05 -28.06
C CYS B 8 -37.12 5.02 -27.30
N LEU B 9 -37.93 4.28 -28.07
CA LEU B 9 -38.70 3.15 -27.57
C LEU B 9 -37.95 1.83 -27.81
N ILE B 10 -37.73 1.09 -26.74
CA ILE B 10 -37.07 -0.21 -26.79
C ILE B 10 -38.12 -1.30 -26.99
N LYS B 11 -37.89 -2.17 -27.96
CA LYS B 11 -38.76 -3.32 -28.14
C LYS B 11 -38.61 -4.27 -26.96
N PRO B 12 -39.71 -4.82 -26.44
CA PRO B 12 -39.57 -5.73 -25.28
C PRO B 12 -38.69 -6.93 -25.54
N SER B 13 -38.61 -7.41 -26.79
CA SER B 13 -37.89 -8.63 -27.09
C SER B 13 -36.42 -8.56 -26.75
N VAL B 14 -35.85 -7.34 -26.66
CA VAL B 14 -34.44 -7.18 -26.32
C VAL B 14 -34.26 -6.82 -24.84
N VAL B 15 -35.34 -6.81 -24.07
CA VAL B 15 -35.29 -6.57 -22.63
C VAL B 15 -35.40 -7.92 -21.94
N PHE B 16 -34.55 -8.17 -20.93
CA PHE B 16 -34.58 -9.46 -20.24
C PHE B 16 -34.89 -9.35 -18.75
N LEU B 17 -35.06 -8.14 -18.22
CA LEU B 17 -35.46 -8.00 -16.81
C LEU B 17 -36.16 -6.67 -16.59
N LYS B 18 -37.21 -6.69 -15.76
CA LYS B 18 -37.90 -5.48 -15.34
C LYS B 18 -38.24 -5.60 -13.86
N THR B 19 -37.84 -4.60 -13.09
CA THR B 19 -38.16 -4.49 -11.67
C THR B 19 -39.23 -3.42 -11.50
N GLU B 20 -39.45 -2.98 -10.26
CA GLU B 20 -40.43 -1.93 -10.04
C GLU B 20 -39.97 -0.58 -10.60
N LEU B 21 -38.66 -0.34 -10.61
CA LEU B 21 -38.12 0.95 -11.02
C LEU B 21 -37.02 0.87 -12.06
N SER B 22 -36.56 -0.33 -12.42
CA SER B 22 -35.44 -0.49 -13.33
C SER B 22 -35.78 -1.53 -14.39
N PHE B 23 -34.89 -1.66 -15.38
CA PHE B 23 -35.02 -2.70 -16.40
C PHE B 23 -33.64 -2.87 -17.04
N ALA B 24 -33.40 -4.06 -17.57
CA ALA B 24 -32.12 -4.44 -18.13
C ALA B 24 -32.32 -4.90 -19.57
N LEU B 25 -31.40 -4.51 -20.45
CA LEU B 25 -31.50 -4.84 -21.86
C LEU B 25 -30.13 -5.23 -22.41
N VAL B 26 -30.16 -5.94 -23.54
CA VAL B 26 -28.94 -6.34 -24.22
C VAL B 26 -28.47 -5.22 -25.15
N ASN B 27 -27.17 -5.24 -25.47
CA ASN B 27 -26.54 -4.15 -26.21
C ASN B 27 -26.58 -4.42 -27.71
N ARG B 28 -26.89 -3.37 -28.48
CA ARG B 28 -26.83 -3.49 -29.93
C ARG B 28 -25.40 -3.49 -30.45
N LYS B 29 -24.42 -3.05 -29.65
CA LYS B 29 -23.03 -2.98 -30.08
C LYS B 29 -22.13 -3.30 -28.90
N PRO B 30 -22.11 -4.57 -28.48
CA PRO B 30 -21.41 -4.93 -27.24
C PRO B 30 -19.90 -4.87 -27.38
N VAL B 31 -19.24 -4.37 -26.34
CA VAL B 31 -17.79 -4.28 -26.29
C VAL B 31 -17.19 -5.64 -26.01
N VAL B 32 -17.86 -6.43 -25.17
CA VAL B 32 -17.52 -7.83 -24.96
C VAL B 32 -18.81 -8.63 -25.00
N PRO B 33 -18.71 -9.94 -25.25
CA PRO B 33 -19.93 -10.78 -25.18
C PRO B 33 -20.57 -10.72 -23.79
N GLY B 34 -21.86 -10.46 -23.77
CA GLY B 34 -22.60 -10.30 -22.54
C GLY B 34 -22.62 -8.88 -21.99
N HIS B 35 -22.11 -7.92 -22.74
CA HIS B 35 -22.18 -6.51 -22.36
C HIS B 35 -23.64 -6.06 -22.36
N VAL B 36 -24.21 -5.86 -21.17
CA VAL B 36 -25.61 -5.50 -21.05
C VAL B 36 -25.73 -4.16 -20.33
N LEU B 37 -26.94 -3.61 -20.36
CA LEU B 37 -27.21 -2.29 -19.81
C LEU B 37 -28.35 -2.41 -18.81
N VAL B 38 -28.22 -1.69 -17.69
CA VAL B 38 -29.24 -1.63 -16.66
C VAL B 38 -29.63 -0.18 -16.47
N CYS B 39 -30.93 0.10 -16.49
CA CYS B 39 -31.40 1.48 -16.51
C CYS B 39 -32.58 1.68 -15.58
N PRO B 40 -32.76 2.91 -15.08
CA PRO B 40 -34.07 3.27 -14.51
C PRO B 40 -35.11 3.35 -15.62
N LEU B 41 -36.33 2.97 -15.26
CA LEU B 41 -37.45 3.10 -16.19
C LEU B 41 -37.72 4.57 -16.49
N ARG B 42 -37.41 5.44 -15.56
CA ARG B 42 -37.54 6.88 -15.75
C ARG B 42 -36.33 7.41 -16.51
N PRO B 43 -36.53 8.13 -17.60
CA PRO B 43 -35.37 8.67 -18.32
C PRO B 43 -34.81 9.95 -17.71
N VAL B 44 -33.79 9.84 -16.87
CA VAL B 44 -33.10 11.01 -16.32
C VAL B 44 -31.71 11.02 -16.96
N GLU B 45 -31.21 12.22 -17.26
CA GLU B 45 -29.93 12.28 -17.96
C GLU B 45 -28.78 12.01 -16.99
N ARG B 46 -28.80 12.68 -15.84
CA ARG B 46 -27.68 12.63 -14.90
C ARG B 46 -28.03 11.78 -13.69
N PHE B 47 -27.00 11.11 -13.16
CA PHE B 47 -27.18 10.19 -12.04
C PHE B 47 -27.75 10.90 -10.81
N HIS B 48 -27.34 12.15 -10.57
CA HIS B 48 -27.82 12.87 -9.39
C HIS B 48 -29.31 13.15 -9.43
N ASP B 49 -29.96 12.97 -10.59
CA ASP B 49 -31.40 13.19 -10.72
C ASP B 49 -32.26 12.03 -10.24
N LEU B 50 -31.67 10.89 -9.88
CA LEU B 50 -32.48 9.76 -9.42
C LEU B 50 -32.88 9.96 -7.97
N ARG B 51 -34.11 9.56 -7.63
CA ARG B 51 -34.51 9.50 -6.24
C ARG B 51 -33.73 8.38 -5.57
N PRO B 52 -33.66 8.37 -4.23
CA PRO B 52 -32.89 7.30 -3.56
C PRO B 52 -33.45 5.91 -3.81
N ASP B 53 -34.78 5.75 -3.87
CA ASP B 53 -35.34 4.43 -4.14
C ASP B 53 -34.96 3.96 -5.54
N GLU B 54 -34.89 4.89 -6.50
CA GLU B 54 -34.45 4.52 -7.84
C GLU B 54 -32.97 4.11 -7.84
N VAL B 55 -32.16 4.78 -7.02
CA VAL B 55 -30.74 4.45 -6.92
C VAL B 55 -30.55 3.03 -6.37
N ALA B 56 -31.25 2.71 -5.28
CA ALA B 56 -31.14 1.38 -4.70
C ALA B 56 -31.58 0.30 -5.70
N ASP B 57 -32.77 0.46 -6.25
CA ASP B 57 -33.28 -0.52 -7.23
C ASP B 57 -32.30 -0.68 -8.39
N LEU B 58 -31.77 0.43 -8.90
CA LEU B 58 -30.89 0.34 -10.07
C LEU B 58 -29.69 -0.57 -9.81
N PHE B 59 -29.08 -0.48 -8.62
CA PHE B 59 -27.85 -1.19 -8.38
C PHE B 59 -28.06 -2.52 -7.68
N GLN B 60 -29.18 -2.71 -6.99
CA GLN B 60 -29.60 -4.05 -6.62
C GLN B 60 -29.87 -4.89 -7.86
N THR B 61 -30.57 -4.30 -8.85
CA THR B 61 -30.76 -4.98 -10.13
C THR B 61 -29.43 -5.27 -10.81
N THR B 62 -28.54 -4.27 -10.83
CA THR B 62 -27.22 -4.47 -11.42
C THR B 62 -26.50 -5.64 -10.77
N GLN B 63 -26.60 -5.76 -9.46
CA GLN B 63 -25.97 -6.88 -8.77
C GLN B 63 -26.51 -8.20 -9.30
N ARG B 64 -27.83 -8.30 -9.41
CA ARG B 64 -28.46 -9.52 -9.91
C ARG B 64 -28.04 -9.83 -11.34
N VAL B 65 -28.01 -8.81 -12.19
CA VAL B 65 -27.71 -8.99 -13.61
C VAL B 65 -26.26 -9.41 -13.82
N GLY B 66 -25.35 -8.84 -13.03
CA GLY B 66 -23.95 -9.17 -13.19
C GLY B 66 -23.66 -10.63 -12.92
N THR B 67 -24.26 -11.19 -11.87
CA THR B 67 -24.04 -12.59 -11.56
C THR B 67 -24.55 -13.49 -12.68
N VAL B 68 -25.65 -13.09 -13.35
CA VAL B 68 -26.21 -13.91 -14.41
C VAL B 68 -25.34 -13.84 -15.65
N VAL B 69 -24.92 -12.63 -16.06
CA VAL B 69 -24.11 -12.55 -17.27
C VAL B 69 -22.72 -13.13 -17.03
N GLU B 70 -22.19 -13.00 -15.81
CA GLU B 70 -20.92 -13.65 -15.47
C GLU B 70 -21.03 -15.15 -15.68
N LYS B 71 -22.13 -15.74 -15.21
CA LYS B 71 -22.37 -17.18 -15.37
C LYS B 71 -22.66 -17.56 -16.82
N HIS B 72 -23.60 -16.86 -17.47
CA HIS B 72 -24.03 -17.30 -18.79
C HIS B 72 -22.89 -17.22 -19.80
N PHE B 73 -22.06 -16.19 -19.71
CA PHE B 73 -20.97 -15.98 -20.64
C PHE B 73 -19.64 -16.51 -20.12
N HIS B 74 -19.66 -17.29 -19.05
CA HIS B 74 -18.46 -17.95 -18.53
C HIS B 74 -17.37 -16.92 -18.22
N GLY B 75 -17.75 -15.87 -17.50
CA GLY B 75 -16.79 -14.93 -16.98
C GLY B 75 -16.32 -15.29 -15.57
N THR B 76 -15.18 -14.73 -15.18
CA THR B 76 -14.69 -14.91 -13.82
C THR B 76 -14.61 -13.60 -13.03
N SER B 77 -14.91 -12.47 -13.66
CA SER B 77 -15.01 -11.18 -12.99
C SER B 77 -16.00 -10.33 -13.76
N LEU B 78 -16.24 -9.11 -13.27
CA LEU B 78 -17.17 -8.19 -13.89
C LEU B 78 -16.58 -6.79 -13.88
N THR B 79 -16.87 -6.03 -14.94
CA THR B 79 -16.61 -4.60 -14.99
C THR B 79 -17.95 -3.88 -14.97
N PHE B 80 -18.12 -2.96 -14.02
CA PHE B 80 -19.28 -2.08 -13.99
C PHE B 80 -18.82 -0.66 -14.30
N SER B 81 -19.54 0.03 -15.18
CA SER B 81 -19.18 1.41 -15.47
C SER B 81 -20.44 2.20 -15.84
N MET B 82 -20.51 3.42 -15.32
CA MET B 82 -21.59 4.36 -15.60
C MET B 82 -20.94 5.63 -16.12
N GLN B 83 -21.23 5.96 -17.38
CA GLN B 83 -20.69 7.15 -18.03
C GLN B 83 -21.72 8.24 -17.81
N ASP B 84 -21.55 8.97 -16.70
CA ASP B 84 -22.55 9.90 -16.20
C ASP B 84 -22.30 11.30 -16.76
N GLY B 85 -22.68 11.48 -18.02
CA GLY B 85 -22.63 12.79 -18.63
C GLY B 85 -21.76 12.82 -19.87
N PRO B 86 -21.89 13.89 -20.66
CA PRO B 86 -21.18 13.92 -21.95
C PRO B 86 -19.67 13.77 -21.83
N GLU B 87 -19.04 14.44 -20.88
CA GLU B 87 -17.58 14.37 -20.77
C GLU B 87 -17.09 13.08 -20.13
N ALA B 88 -18.00 12.17 -19.76
CA ALA B 88 -17.65 10.83 -19.31
C ALA B 88 -18.01 9.78 -20.35
N GLY B 89 -18.46 10.19 -21.53
CA GLY B 89 -18.74 9.30 -22.64
C GLY B 89 -20.20 9.09 -22.97
N GLN B 90 -21.12 9.72 -22.26
CA GLN B 90 -22.54 9.47 -22.48
C GLN B 90 -23.00 9.89 -23.88
N THR B 91 -23.68 8.98 -24.58
CA THR B 91 -24.39 9.31 -25.81
C THR B 91 -25.90 9.45 -25.61
N VAL B 92 -26.55 8.41 -25.13
CA VAL B 92 -28.00 8.43 -24.92
C VAL B 92 -28.23 9.14 -23.60
N LYS B 93 -29.10 10.15 -23.62
CA LYS B 93 -29.36 10.94 -22.41
C LYS B 93 -30.30 10.16 -21.48
N HIS B 94 -29.72 9.15 -20.85
CA HIS B 94 -30.46 8.24 -19.97
C HIS B 94 -29.44 7.50 -19.12
N VAL B 95 -29.62 7.57 -17.79
CA VAL B 95 -28.70 6.90 -16.89
C VAL B 95 -28.69 5.41 -17.19
N ASN B 96 -27.50 4.84 -17.33
CA ASN B 96 -27.38 3.41 -17.54
C ASN B 96 -26.05 2.92 -16.98
N VAL B 97 -26.06 1.71 -16.43
CA VAL B 97 -24.86 1.02 -15.94
C VAL B 97 -24.47 -0.01 -16.98
N HIS B 98 -23.21 0.02 -17.40
CA HIS B 98 -22.67 -1.02 -18.28
C HIS B 98 -22.19 -2.19 -17.43
N VAL B 99 -22.62 -3.40 -17.77
CA VAL B 99 -22.22 -4.61 -17.05
C VAL B 99 -21.52 -5.51 -18.05
N LEU B 100 -20.24 -5.74 -17.85
CA LEU B 100 -19.41 -6.44 -18.81
C LEU B 100 -18.81 -7.67 -18.13
N PRO B 101 -19.10 -8.88 -18.59
CA PRO B 101 -18.39 -10.05 -18.08
C PRO B 101 -16.93 -10.06 -18.52
N ARG B 102 -16.06 -10.44 -17.58
CA ARG B 102 -14.62 -10.42 -17.82
C ARG B 102 -14.07 -11.83 -17.76
N LYS B 103 -13.12 -12.11 -18.64
CA LYS B 103 -12.44 -13.39 -18.74
C LYS B 103 -10.94 -13.17 -18.76
N ALA B 104 -10.20 -14.14 -18.25
CA ALA B 104 -8.75 -14.13 -18.40
C ALA B 104 -8.39 -13.95 -19.87
N GLY B 105 -7.62 -12.91 -20.17
CA GLY B 105 -7.09 -12.65 -21.49
C GLY B 105 -7.98 -11.86 -22.43
N ASP B 106 -9.11 -11.34 -21.95
CA ASP B 106 -10.02 -10.62 -22.85
C ASP B 106 -9.35 -9.37 -23.39
N PHE B 107 -8.49 -8.73 -22.58
CA PHE B 107 -7.76 -7.56 -23.02
C PHE B 107 -6.29 -7.63 -22.62
N HIS B 108 -5.39 -7.29 -23.57
CA HIS B 108 -3.99 -7.12 -23.22
C HIS B 108 -3.83 -6.25 -21.97
N ARG B 109 -4.37 -5.03 -22.03
CA ARG B 109 -4.35 -4.09 -20.91
C ARG B 109 -5.78 -3.95 -20.38
N ASN B 110 -5.97 -4.22 -19.09
CA ASN B 110 -7.29 -4.06 -18.49
C ASN B 110 -7.89 -2.70 -18.83
N ASP B 111 -7.07 -1.65 -18.88
CA ASP B 111 -7.60 -0.30 -19.07
C ASP B 111 -8.23 -0.09 -20.45
N SER B 112 -7.90 -0.92 -21.44
CA SER B 112 -8.46 -0.69 -22.77
C SER B 112 -9.98 -0.87 -22.80
N ILE B 113 -10.54 -1.62 -21.84
CA ILE B 113 -11.99 -1.82 -21.83
C ILE B 113 -12.71 -0.49 -21.59
N TYR B 114 -12.05 0.47 -20.92
CA TYR B 114 -12.68 1.76 -20.71
C TYR B 114 -12.53 2.66 -21.92
N GLU B 115 -11.38 2.60 -22.59
CA GLU B 115 -11.23 3.28 -23.87
C GLU B 115 -12.29 2.81 -24.85
N GLU B 116 -12.62 1.51 -24.81
CA GLU B 116 -13.64 0.97 -25.70
C GLU B 116 -15.03 1.42 -25.30
N LEU B 117 -15.38 1.30 -24.01
CA LEU B 117 -16.65 1.83 -23.54
C LEU B 117 -16.84 3.27 -24.02
N GLN B 118 -15.77 4.06 -24.00
CA GLN B 118 -15.85 5.46 -24.40
C GLN B 118 -15.94 5.61 -25.91
N LYS B 119 -15.36 4.67 -26.67
CA LYS B 119 -15.25 4.81 -28.11
C LYS B 119 -16.40 4.19 -28.90
N HIS B 120 -16.96 3.09 -28.41
CA HIS B 120 -17.62 2.12 -29.28
C HIS B 120 -18.89 2.68 -29.92
N ASP B 121 -19.63 3.52 -29.20
CA ASP B 121 -20.87 4.07 -29.71
C ASP B 121 -20.71 5.48 -30.26
N LYS B 122 -19.47 5.95 -30.42
CA LYS B 122 -19.21 7.26 -31.01
C LYS B 122 -19.00 7.12 -32.51
N GLU B 123 -19.42 8.13 -33.25
CA GLU B 123 -19.46 8.08 -34.71
C GLU B 123 -20.17 6.81 -35.17
N ASP B 124 -21.29 6.52 -34.51
CA ASP B 124 -22.02 5.29 -34.78
C ASP B 124 -22.59 5.29 -36.19
N PHE B 125 -22.91 4.09 -36.69
CA PHE B 125 -23.52 3.93 -38.00
C PHE B 125 -24.20 2.57 -37.99
N PRO B 126 -25.40 2.44 -38.56
CA PRO B 126 -26.24 1.26 -38.24
C PRO B 126 -25.66 -0.08 -38.68
N ALA B 127 -24.80 -0.11 -39.70
CA ALA B 127 -24.26 -1.39 -40.16
C ALA B 127 -23.40 -2.07 -39.11
N SER B 128 -22.99 -1.37 -38.06
CA SER B 128 -22.16 -1.94 -37.01
C SER B 128 -22.98 -2.61 -35.91
N TRP B 129 -24.29 -2.40 -35.89
CA TRP B 129 -25.12 -2.92 -34.81
C TRP B 129 -25.45 -4.40 -35.07
N ARG B 130 -25.84 -5.06 -33.99
CA ARG B 130 -26.30 -6.44 -34.08
C ARG B 130 -27.73 -6.46 -34.62
N SER B 131 -28.12 -7.59 -35.19
CA SER B 131 -29.45 -7.72 -35.77
C SER B 131 -30.48 -7.88 -34.64
N GLU B 132 -31.74 -7.58 -34.96
CA GLU B 132 -32.78 -7.67 -33.95
C GLU B 132 -32.86 -9.08 -33.38
N GLU B 133 -32.77 -10.09 -34.24
CA GLU B 133 -32.93 -11.48 -33.75
C GLU B 133 -31.74 -11.92 -32.92
N GLU B 134 -30.51 -11.59 -33.32
CA GLU B 134 -29.38 -11.92 -32.46
C GLU B 134 -29.53 -11.29 -31.08
N MET B 135 -30.01 -10.05 -31.04
CA MET B 135 -30.26 -9.39 -29.76
C MET B 135 -31.44 -10.02 -29.05
N ALA B 136 -32.52 -10.31 -29.77
CA ALA B 136 -33.68 -10.94 -29.16
C ALA B 136 -33.34 -12.34 -28.69
N ALA B 137 -32.42 -13.02 -29.37
CA ALA B 137 -32.01 -14.36 -28.95
C ALA B 137 -31.28 -14.31 -27.60
N GLU B 138 -30.36 -13.36 -27.45
CA GLU B 138 -29.61 -13.24 -26.20
C GLU B 138 -30.53 -12.89 -25.04
N ALA B 139 -31.47 -11.95 -25.25
CA ALA B 139 -32.41 -11.63 -24.19
C ALA B 139 -33.22 -12.85 -23.77
N ALA B 140 -33.71 -13.62 -24.75
CA ALA B 140 -34.47 -14.82 -24.44
C ALA B 140 -33.66 -15.80 -23.60
N ALA B 141 -32.36 -15.91 -23.87
CA ALA B 141 -31.52 -16.76 -23.06
C ALA B 141 -31.40 -16.24 -21.63
N LEU B 142 -31.15 -14.93 -21.49
CA LEU B 142 -30.94 -14.37 -20.16
C LEU B 142 -32.22 -14.36 -19.33
N ARG B 143 -33.38 -14.25 -19.97
CA ARG B 143 -34.63 -14.28 -19.21
C ARG B 143 -34.80 -15.58 -18.46
N VAL B 144 -34.27 -16.69 -19.00
CA VAL B 144 -34.46 -17.98 -18.38
C VAL B 144 -33.92 -17.98 -16.96
N TYR B 145 -32.91 -17.16 -16.69
CA TYR B 145 -32.32 -17.12 -15.37
C TYR B 145 -33.19 -16.37 -14.36
N PHE B 146 -34.13 -15.54 -14.82
CA PHE B 146 -34.98 -14.75 -13.94
C PHE B 146 -36.42 -15.24 -13.89
N GLN B 147 -36.68 -16.51 -14.19
CA GLN B 147 -38.01 -17.08 -14.11
C GLN B 147 -38.22 -17.66 -12.72
N HIS B 148 -39.31 -17.27 -12.06
CA HIS B 148 -39.55 -17.77 -10.72
C HIS B 148 -39.57 -19.29 -10.73
N SER C 2 -7.85 2.84 11.02
CA SER C 2 -9.07 2.70 11.80
C SER C 2 -10.17 2.12 10.90
N PHE C 3 -10.12 2.50 9.62
CA PHE C 3 -10.99 1.98 8.58
C PHE C 3 -10.21 0.94 7.79
N ARG C 4 -10.86 -0.16 7.42
CA ARG C 4 -10.17 -1.24 6.74
C ARG C 4 -10.51 -1.22 5.25
N PHE C 5 -9.49 -1.26 4.41
CA PHE C 5 -9.64 -1.32 2.96
C PHE C 5 -8.75 -2.45 2.44
N GLY C 6 -9.33 -3.64 2.27
CA GLY C 6 -8.54 -4.78 1.86
C GLY C 6 -7.57 -5.17 2.96
N GLN C 7 -6.28 -5.15 2.62
CA GLN C 7 -5.20 -5.36 3.57
C GLN C 7 -4.64 -4.05 4.13
N CYS C 8 -5.26 -2.90 3.84
CA CYS C 8 -4.75 -1.62 4.29
C CYS C 8 -5.63 -1.07 5.40
N LEU C 9 -5.01 -0.32 6.32
CA LEU C 9 -5.74 0.48 7.30
C LEU C 9 -5.76 1.93 6.82
N ILE C 10 -6.95 2.48 6.64
CA ILE C 10 -7.10 3.85 6.18
C ILE C 10 -7.14 4.75 7.41
N LYS C 11 -6.30 5.77 7.43
CA LYS C 11 -6.34 6.75 8.51
C LYS C 11 -7.64 7.56 8.45
N PRO C 12 -8.25 7.89 9.58
CA PRO C 12 -9.48 8.70 9.52
C PRO C 12 -9.27 10.02 8.79
N SER C 13 -8.04 10.55 8.79
CA SER C 13 -7.78 11.85 8.19
C SER C 13 -8.03 11.87 6.69
N VAL C 14 -7.96 10.72 6.01
CA VAL C 14 -8.21 10.64 4.58
C VAL C 14 -9.61 10.18 4.26
N VAL C 15 -10.48 10.06 5.26
CA VAL C 15 -11.88 9.74 5.06
C VAL C 15 -12.66 11.04 5.17
N PHE C 16 -13.57 11.29 4.23
CA PHE C 16 -14.35 12.51 4.25
C PHE C 16 -15.85 12.25 4.35
N LEU C 17 -16.29 10.99 4.36
CA LEU C 17 -17.70 10.68 4.57
C LEU C 17 -17.82 9.28 5.15
N LYS C 18 -18.72 9.12 6.10
CA LYS C 18 -19.00 7.82 6.69
C LYS C 18 -20.49 7.68 6.93
N THR C 19 -21.08 6.59 6.43
CA THR C 19 -22.47 6.27 6.68
C THR C 19 -22.59 5.08 7.63
N GLU C 20 -23.79 4.51 7.71
CA GLU C 20 -23.99 3.33 8.53
C GLU C 20 -23.23 2.12 7.98
N LEU C 21 -23.12 2.03 6.65
CA LEU C 21 -22.60 0.83 6.02
C LEU C 21 -21.47 1.09 5.03
N SER C 22 -21.17 2.34 4.70
CA SER C 22 -20.20 2.69 3.68
C SER C 22 -19.27 3.78 4.19
N PHE C 23 -18.26 4.11 3.39
CA PHE C 23 -17.36 5.22 3.68
C PHE C 23 -16.62 5.58 2.41
N ALA C 24 -16.15 6.83 2.34
CA ALA C 24 -15.50 7.35 1.16
C ALA C 24 -14.14 7.92 1.52
N LEU C 25 -13.16 7.67 0.66
CA LEU C 25 -11.80 8.11 0.92
C LEU C 25 -11.19 8.70 -0.34
N VAL C 26 -10.13 9.48 -0.13
CA VAL C 26 -9.38 10.03 -1.24
C VAL C 26 -8.34 9.01 -1.70
N ASN C 27 -7.90 9.16 -2.95
CA ASN C 27 -7.05 8.15 -3.58
C ASN C 27 -5.58 8.45 -3.34
N ARG C 28 -4.83 7.40 -3.01
CA ARG C 28 -3.38 7.49 -2.86
C ARG C 28 -2.66 7.61 -4.19
N LYS C 29 -3.31 7.21 -5.29
CA LYS C 29 -2.75 7.27 -6.63
C LYS C 29 -3.87 7.64 -7.59
N PRO C 30 -4.32 8.88 -7.54
CA PRO C 30 -5.49 9.29 -8.33
C PRO C 30 -5.17 9.37 -9.82
N VAL C 31 -6.13 8.96 -10.64
CA VAL C 31 -5.96 9.00 -12.09
C VAL C 31 -6.23 10.39 -12.64
N VAL C 32 -7.19 11.09 -12.05
CA VAL C 32 -7.40 12.51 -12.31
C VAL C 32 -7.69 13.19 -10.99
N PRO C 33 -7.51 14.51 -10.92
CA PRO C 33 -7.82 15.20 -9.66
C PRO C 33 -9.25 14.97 -9.22
N GLY C 34 -9.41 14.59 -7.94
CA GLY C 34 -10.70 14.29 -7.38
C GLY C 34 -11.17 12.86 -7.54
N HIS C 35 -10.34 11.98 -8.10
CA HIS C 35 -10.63 10.56 -8.15
C HIS C 35 -10.65 10.00 -6.73
N VAL C 36 -11.84 9.65 -6.25
CA VAL C 36 -12.01 9.15 -4.90
C VAL C 36 -12.64 7.76 -4.96
N LEU C 37 -12.70 7.11 -3.81
CA LEU C 37 -13.17 5.73 -3.67
C LEU C 37 -14.29 5.68 -2.64
N VAL C 38 -15.32 4.88 -2.93
CA VAL C 38 -16.42 4.63 -1.99
C VAL C 38 -16.52 3.14 -1.76
N CYS C 39 -16.57 2.73 -0.50
CA CYS C 39 -16.45 1.33 -0.13
C CYS C 39 -17.49 0.98 0.91
N PRO C 40 -17.94 -0.29 0.94
CA PRO C 40 -18.68 -0.76 2.13
C PRO C 40 -17.72 -0.85 3.30
N LEU C 41 -18.24 -0.54 4.49
CA LEU C 41 -17.41 -0.70 5.68
C LEU C 41 -17.09 -2.17 5.95
N ARG C 42 -17.96 -3.08 5.51
CA ARG C 42 -17.70 -4.50 5.67
C ARG C 42 -16.72 -4.95 4.59
N PRO C 43 -15.60 -5.59 4.96
CA PRO C 43 -14.61 -5.99 3.95
C PRO C 43 -15.05 -7.21 3.17
N VAL C 44 -15.71 -6.93 2.04
CA VAL C 44 -16.23 -7.93 1.10
C VAL C 44 -15.47 -7.84 -0.21
N GLU C 45 -15.10 -8.99 -0.77
CA GLU C 45 -14.25 -8.97 -1.96
C GLU C 45 -15.06 -8.74 -3.24
N ARG C 46 -16.19 -9.45 -3.40
CA ARG C 46 -16.97 -9.40 -4.63
C ARG C 46 -18.29 -8.67 -4.40
N PHE C 47 -18.76 -7.97 -5.45
CA PHE C 47 -19.98 -7.18 -5.34
C PHE C 47 -21.19 -8.04 -4.99
N HIS C 48 -21.26 -9.27 -5.53
CA HIS C 48 -22.40 -10.11 -5.23
C HIS C 48 -22.45 -10.55 -3.77
N ASP C 49 -21.37 -10.31 -3.01
CA ASP C 49 -21.36 -10.65 -1.60
C ASP C 49 -22.04 -9.61 -0.73
N LEU C 50 -22.39 -8.45 -1.27
CA LEU C 50 -22.99 -7.41 -0.46
C LEU C 50 -24.48 -7.69 -0.27
N ARG C 51 -24.97 -7.42 0.93
CA ARG C 51 -26.40 -7.47 1.18
C ARG C 51 -27.11 -6.36 0.43
N PRO C 52 -28.44 -6.46 0.28
CA PRO C 52 -29.17 -5.41 -0.43
C PRO C 52 -29.07 -4.05 0.23
N ASP C 53 -29.13 -4.01 1.57
CA ASP C 53 -29.01 -2.74 2.28
C ASP C 53 -27.62 -2.14 2.07
N GLU C 54 -26.59 -2.98 1.97
CA GLU C 54 -25.24 -2.50 1.69
C GLU C 54 -25.13 -1.96 0.27
N VAL C 55 -25.80 -2.60 -0.69
CA VAL C 55 -25.76 -2.10 -2.06
C VAL C 55 -26.45 -0.75 -2.15
N ALA C 56 -27.66 -0.64 -1.58
CA ALA C 56 -28.39 0.62 -1.62
C ALA C 56 -27.56 1.74 -0.99
N ASP C 57 -27.09 1.52 0.24
CA ASP C 57 -26.28 2.52 0.91
C ASP C 57 -25.02 2.84 0.13
N LEU C 58 -24.34 1.82 -0.39
CA LEU C 58 -23.08 2.04 -1.08
C LEU C 58 -23.25 3.03 -2.24
N PHE C 59 -24.35 2.90 -2.98
CA PHE C 59 -24.53 3.70 -4.19
C PHE C 59 -25.38 4.94 -3.98
N GLN C 60 -26.21 4.98 -2.93
CA GLN C 60 -26.74 6.25 -2.46
C GLN C 60 -25.61 7.16 -1.95
N THR C 61 -24.67 6.58 -1.21
CA THR C 61 -23.47 7.32 -0.82
C THR C 61 -22.70 7.77 -2.04
N THR C 62 -22.49 6.84 -2.99
CA THR C 62 -21.78 7.16 -4.22
C THR C 62 -22.42 8.35 -4.96
N GLN C 63 -23.74 8.41 -4.97
CA GLN C 63 -24.42 9.54 -5.60
C GLN C 63 -24.03 10.83 -4.90
N ARG C 64 -24.13 10.86 -3.57
CA ARG C 64 -23.79 12.07 -2.81
C ARG C 64 -22.35 12.50 -3.10
N VAL C 65 -21.43 11.54 -3.13
CA VAL C 65 -20.01 11.86 -3.32
C VAL C 65 -19.74 12.40 -4.72
N GLY C 66 -20.37 11.82 -5.74
CA GLY C 66 -20.15 12.31 -7.09
C GLY C 66 -20.54 13.76 -7.24
N THR C 67 -21.66 14.15 -6.64
CA THR C 67 -22.12 15.52 -6.73
C THR C 67 -21.13 16.47 -6.08
N VAL C 68 -20.49 16.05 -4.99
CA VAL C 68 -19.56 16.92 -4.29
C VAL C 68 -18.27 17.08 -5.08
N VAL C 69 -17.69 15.97 -5.55
CA VAL C 69 -16.42 16.09 -6.24
C VAL C 69 -16.60 16.77 -7.59
N GLU C 70 -17.75 16.57 -8.25
CA GLU C 70 -18.00 17.27 -9.51
C GLU C 70 -17.98 18.77 -9.29
N LYS C 71 -18.67 19.26 -8.26
CA LYS C 71 -18.69 20.69 -7.99
C LYS C 71 -17.29 21.16 -7.58
N HIS C 72 -16.68 20.47 -6.62
CA HIS C 72 -15.44 20.96 -6.03
C HIS C 72 -14.29 20.99 -7.03
N PHE C 73 -14.17 19.96 -7.86
CA PHE C 73 -13.09 19.89 -8.83
C PHE C 73 -13.51 20.41 -10.19
N HIS C 74 -14.67 21.08 -10.27
CA HIS C 74 -15.09 21.74 -11.51
C HIS C 74 -15.16 20.74 -12.65
N GLY C 75 -15.85 19.63 -12.39
CA GLY C 75 -16.17 18.70 -13.44
C GLY C 75 -17.49 19.05 -14.09
N THR C 76 -17.67 18.54 -15.30
CA THR C 76 -18.93 18.67 -16.02
C THR C 76 -19.61 17.33 -16.23
N SER C 77 -18.97 16.23 -15.83
CA SER C 77 -19.56 14.90 -15.87
C SER C 77 -18.88 14.05 -14.80
N LEU C 78 -19.32 12.80 -14.68
CA LEU C 78 -18.76 11.88 -13.71
C LEU C 78 -18.58 10.50 -14.33
N THR C 79 -17.50 9.81 -13.94
CA THR C 79 -17.31 8.40 -14.26
C THR C 79 -17.39 7.59 -12.97
N PHE C 80 -18.31 6.63 -12.93
CA PHE C 80 -18.39 5.64 -11.86
C PHE C 80 -17.97 4.29 -12.40
N SER C 81 -17.10 3.59 -11.67
CA SER C 81 -16.62 2.29 -12.13
C SER C 81 -16.30 1.39 -10.95
N MET C 82 -16.65 0.12 -11.09
CA MET C 82 -16.36 -0.90 -10.08
C MET C 82 -15.65 -2.04 -10.79
N GLN C 83 -14.42 -2.32 -10.36
CA GLN C 83 -13.63 -3.41 -10.95
C GLN C 83 -13.87 -4.65 -10.12
N ASP C 84 -14.92 -5.38 -10.47
CA ASP C 84 -15.46 -6.45 -9.62
C ASP C 84 -14.78 -7.76 -9.93
N GLY C 85 -13.57 -7.93 -9.39
CA GLY C 85 -12.89 -9.19 -9.49
C GLY C 85 -11.53 -9.14 -10.15
N PRO C 86 -10.76 -10.21 -9.99
CA PRO C 86 -9.37 -10.19 -10.48
C PRO C 86 -9.26 -9.90 -11.96
N GLU C 87 -10.09 -10.53 -12.78
CA GLU C 87 -10.04 -10.38 -14.23
C GLU C 87 -10.68 -9.08 -14.70
N ALA C 88 -11.16 -8.25 -13.79
CA ALA C 88 -11.68 -6.93 -14.10
C ALA C 88 -10.73 -5.82 -13.68
N GLY C 89 -9.52 -6.17 -13.23
CA GLY C 89 -8.50 -5.18 -12.92
C GLY C 89 -8.27 -4.95 -11.44
N GLN C 90 -8.98 -5.67 -10.59
CA GLN C 90 -8.97 -5.40 -9.16
C GLN C 90 -7.56 -5.46 -8.60
N THR C 91 -7.18 -4.38 -7.90
CA THR C 91 -5.93 -4.32 -7.15
C THR C 91 -6.16 -4.67 -5.68
N VAL C 92 -7.15 -4.05 -5.05
CA VAL C 92 -7.47 -4.26 -3.63
C VAL C 92 -8.66 -5.21 -3.50
N LYS C 93 -8.52 -6.22 -2.63
CA LYS C 93 -9.57 -7.22 -2.44
C LYS C 93 -10.69 -6.69 -1.53
N HIS C 94 -11.44 -5.72 -2.07
CA HIS C 94 -12.48 -5.05 -1.31
C HIS C 94 -13.33 -4.25 -2.29
N VAL C 95 -14.65 -4.42 -2.24
CA VAL C 95 -15.51 -3.70 -3.17
C VAL C 95 -15.25 -2.20 -3.02
N ASN C 96 -15.02 -1.55 -4.14
CA ASN C 96 -14.80 -0.11 -4.12
C ASN C 96 -15.30 0.47 -5.44
N VAL C 97 -15.95 1.61 -5.33
CA VAL C 97 -16.45 2.36 -6.47
C VAL C 97 -15.49 3.50 -6.74
N HIS C 98 -15.00 3.57 -7.96
CA HIS C 98 -14.18 4.68 -8.40
C HIS C 98 -15.10 5.82 -8.83
N VAL C 99 -14.84 7.02 -8.32
CA VAL C 99 -15.61 8.21 -8.65
C VAL C 99 -14.67 9.28 -9.19
N LEU C 100 -14.87 9.67 -10.45
CA LEU C 100 -13.97 10.59 -11.13
C LEU C 100 -14.72 11.80 -11.68
N PRO C 101 -14.33 13.03 -11.31
CA PRO C 101 -14.83 14.20 -12.04
C PRO C 101 -14.26 14.20 -13.44
N ARG C 102 -15.11 14.49 -14.43
CA ARG C 102 -14.67 14.48 -15.81
C ARG C 102 -14.82 15.86 -16.42
N LYS C 103 -13.81 16.23 -17.20
CA LYS C 103 -13.70 17.53 -17.84
C LYS C 103 -13.40 17.34 -19.33
N ALA C 104 -13.85 18.30 -20.13
CA ALA C 104 -13.47 18.31 -21.52
C ALA C 104 -11.96 18.19 -21.66
N GLY C 105 -11.52 17.15 -22.36
CA GLY C 105 -10.12 17.01 -22.73
C GLY C 105 -9.19 16.38 -21.71
N ASP C 106 -9.70 15.79 -20.63
CA ASP C 106 -8.83 15.39 -19.54
C ASP C 106 -7.91 14.20 -19.87
N PHE C 107 -8.40 13.17 -20.58
CA PHE C 107 -7.48 12.05 -20.82
C PHE C 107 -6.44 12.32 -21.91
N HIS C 108 -6.57 13.39 -22.70
CA HIS C 108 -5.52 13.78 -23.64
C HIS C 108 -4.65 14.87 -23.03
N SER C 128 4.20 6.99 -8.06
CA SER C 128 4.43 6.11 -6.91
C SER C 128 3.33 6.31 -5.86
N TRP C 129 3.28 7.48 -5.24
CA TRP C 129 2.21 7.72 -4.26
C TRP C 129 2.16 9.21 -3.90
N ARG C 130 0.97 9.63 -3.47
CA ARG C 130 0.77 10.96 -2.92
C ARG C 130 1.15 11.02 -1.45
N SER C 131 1.42 12.23 -0.97
CA SER C 131 1.80 12.42 0.43
C SER C 131 0.56 12.40 1.33
N GLU C 132 0.79 12.05 2.60
CA GLU C 132 -0.31 12.07 3.56
C GLU C 132 -0.92 13.46 3.68
N GLU C 133 -0.09 14.51 3.64
CA GLU C 133 -0.61 15.86 3.81
C GLU C 133 -1.48 16.26 2.62
N GLU C 134 -1.06 15.89 1.41
CA GLU C 134 -1.87 16.15 0.22
C GLU C 134 -3.22 15.45 0.32
N MET C 135 -3.22 14.19 0.78
CA MET C 135 -4.47 13.44 0.89
C MET C 135 -5.35 13.99 2.01
N ALA C 136 -4.76 14.28 3.17
CA ALA C 136 -5.55 14.82 4.27
C ALA C 136 -6.11 16.19 3.95
N ALA C 137 -5.39 16.99 3.16
CA ALA C 137 -5.89 18.30 2.76
C ALA C 137 -7.13 18.15 1.87
N GLU C 138 -7.08 17.23 0.91
CA GLU C 138 -8.22 17.01 0.03
C GLU C 138 -9.42 16.49 0.82
N ALA C 139 -9.20 15.50 1.69
CA ALA C 139 -10.29 14.98 2.49
C ALA C 139 -10.92 16.09 3.33
N ALA C 140 -10.08 16.89 4.00
CA ALA C 140 -10.59 17.96 4.84
C ALA C 140 -11.42 18.96 4.03
N ALA C 141 -10.99 19.26 2.80
CA ALA C 141 -11.75 20.18 1.97
C ALA C 141 -13.13 19.60 1.66
N LEU C 142 -13.18 18.31 1.33
CA LEU C 142 -14.46 17.70 0.96
C LEU C 142 -15.37 17.52 2.18
N ARG C 143 -14.81 17.40 3.38
CA ARG C 143 -15.64 17.25 4.57
C ARG C 143 -16.56 18.44 4.79
N VAL C 144 -16.16 19.63 4.32
CA VAL C 144 -16.99 20.82 4.50
C VAL C 144 -18.34 20.64 3.84
N TYR C 145 -18.40 19.84 2.78
CA TYR C 145 -19.66 19.66 2.05
C TYR C 145 -20.67 18.79 2.80
N PHE C 146 -20.22 18.02 3.79
CA PHE C 146 -21.08 17.13 4.56
C PHE C 146 -21.28 17.61 6.00
N GLN C 147 -21.27 18.93 6.19
CA GLN C 147 -21.51 19.56 7.50
C GLN C 147 -20.28 19.36 8.39
N SER D 2 43.01 2.99 26.49
CA SER D 2 42.31 2.29 27.56
C SER D 2 41.09 1.53 27.04
N PHE D 3 40.61 1.94 25.87
CA PHE D 3 39.51 1.28 25.19
C PHE D 3 40.02 0.43 24.03
N ARG D 4 39.36 -0.71 23.82
CA ARG D 4 39.72 -1.65 22.77
C ARG D 4 38.67 -1.55 21.66
N PHE D 5 39.14 -1.44 20.42
CA PHE D 5 38.29 -1.48 19.22
C PHE D 5 39.00 -2.41 18.25
N GLY D 6 38.61 -3.69 18.25
CA GLY D 6 39.32 -4.64 17.42
C GLY D 6 40.73 -4.91 17.88
N GLN D 7 41.71 -4.69 17.00
CA GLN D 7 43.12 -4.86 17.31
C GLN D 7 43.77 -3.56 17.79
N CYS D 8 43.02 -2.47 17.88
CA CYS D 8 43.54 -1.15 18.17
C CYS D 8 43.12 -0.68 19.54
N LEU D 9 43.94 0.18 20.13
CA LEU D 9 43.56 0.87 21.36
C LEU D 9 42.97 2.22 21.00
N ILE D 10 41.76 2.47 21.48
CA ILE D 10 41.07 3.73 21.29
C ILE D 10 41.50 4.69 22.39
N LYS D 11 41.87 5.90 21.99
CA LYS D 11 42.12 6.94 22.98
C LYS D 11 40.82 7.28 23.70
N PRO D 12 40.85 7.48 25.01
CA PRO D 12 39.59 7.85 25.70
C PRO D 12 38.98 9.13 25.18
N SER D 13 39.79 10.06 24.67
CA SER D 13 39.28 11.36 24.28
C SER D 13 38.23 11.27 23.18
N VAL D 14 38.19 10.16 22.44
CA VAL D 14 37.24 10.02 21.35
C VAL D 14 35.99 9.27 21.77
N VAL D 15 35.89 8.88 23.05
CA VAL D 15 34.72 8.18 23.57
C VAL D 15 33.88 9.19 24.33
N PHE D 16 32.57 9.17 24.09
CA PHE D 16 31.65 10.08 24.75
C PHE D 16 30.57 9.39 25.59
N LEU D 17 30.55 8.06 25.62
CA LEU D 17 29.63 7.32 26.47
C LEU D 17 30.20 5.94 26.76
N LYS D 18 30.07 5.50 28.01
CA LYS D 18 30.46 4.16 28.43
C LYS D 18 29.39 3.64 29.37
N THR D 19 28.83 2.48 29.06
CA THR D 19 27.82 1.84 29.91
C THR D 19 28.47 0.66 30.64
N GLU D 20 27.64 -0.21 31.20
CA GLU D 20 28.17 -1.41 31.85
C GLU D 20 28.78 -2.37 30.83
N LEU D 21 28.24 -2.38 29.60
CA LEU D 21 28.68 -3.31 28.58
C LEU D 21 28.98 -2.70 27.22
N SER D 22 28.70 -1.42 27.00
CA SER D 22 28.84 -0.82 25.68
C SER D 22 29.58 0.52 25.79
N PHE D 23 29.89 1.10 24.63
CA PHE D 23 30.49 2.42 24.58
C PHE D 23 30.34 2.97 23.17
N ALA D 24 30.35 4.29 23.07
CA ALA D 24 30.14 5.01 21.82
C ALA D 24 31.31 5.95 21.60
N LEU D 25 31.77 6.05 20.36
CA LEU D 25 32.93 6.85 20.02
C LEU D 25 32.67 7.60 18.73
N VAL D 26 33.44 8.67 18.53
CA VAL D 26 33.35 9.45 17.30
C VAL D 26 34.28 8.85 16.25
N ASN D 27 33.98 9.17 15.00
CA ASN D 27 34.61 8.53 13.86
C ASN D 27 35.80 9.32 13.34
N ARG D 28 36.85 8.59 12.96
CA ARG D 28 38.00 9.25 12.34
C ARG D 28 37.73 9.69 10.91
N LYS D 29 36.75 9.08 10.23
CA LYS D 29 36.44 9.39 8.84
C LYS D 29 34.93 9.28 8.68
N PRO D 30 34.18 10.26 9.21
CA PRO D 30 32.72 10.16 9.19
C PRO D 30 32.15 10.37 7.79
N VAL D 31 31.06 9.64 7.51
CA VAL D 31 30.40 9.76 6.22
C VAL D 31 29.58 11.04 6.17
N VAL D 32 28.97 11.39 7.29
CA VAL D 32 28.30 12.68 7.46
C VAL D 32 28.61 13.21 8.85
N PRO D 33 28.40 14.49 9.07
CA PRO D 33 28.61 15.05 10.42
C PRO D 33 27.75 14.34 11.46
N GLY D 34 28.38 13.97 12.57
CA GLY D 34 27.69 13.24 13.61
C GLY D 34 27.65 11.75 13.41
N HIS D 35 28.34 11.23 12.41
CA HIS D 35 28.47 9.79 12.21
C HIS D 35 29.27 9.19 13.37
N VAL D 36 28.61 8.47 14.27
CA VAL D 36 29.26 7.90 15.43
C VAL D 36 29.07 6.38 15.43
N LEU D 37 29.77 5.73 16.36
CA LEU D 37 29.78 4.28 16.49
C LEU D 37 29.43 3.87 17.91
N VAL D 38 28.63 2.82 18.06
CA VAL D 38 28.32 2.24 19.35
C VAL D 38 28.71 0.76 19.33
N CYS D 39 29.44 0.33 20.34
CA CYS D 39 30.04 -1.00 20.35
C CYS D 39 29.92 -1.65 21.71
N PRO D 40 29.92 -2.98 21.76
CA PRO D 40 30.15 -3.65 23.04
C PRO D 40 31.56 -3.43 23.53
N LEU D 41 31.70 -3.32 24.86
CA LEU D 41 33.02 -3.20 25.46
C LEU D 41 33.84 -4.46 25.22
N ARG D 42 33.19 -5.60 25.06
CA ARG D 42 33.87 -6.85 24.77
C ARG D 42 34.14 -6.98 23.27
N PRO D 43 35.39 -7.20 22.87
CA PRO D 43 35.67 -7.29 21.42
C PRO D 43 35.31 -8.65 20.82
N VAL D 44 34.09 -8.73 20.31
CA VAL D 44 33.59 -9.89 19.58
C VAL D 44 33.42 -9.46 18.13
N GLU D 45 33.70 -10.37 17.20
CA GLU D 45 33.66 -10.01 15.78
C GLU D 45 32.23 -9.96 15.25
N ARG D 46 31.43 -10.96 15.56
CA ARG D 46 30.13 -11.13 14.96
C ARG D 46 29.00 -10.82 15.93
N PHE D 47 27.90 -10.29 15.39
CA PHE D 47 26.77 -9.91 16.23
C PHE D 47 26.25 -11.12 17.00
N HIS D 48 26.24 -12.30 16.37
CA HIS D 48 25.72 -13.48 17.05
C HIS D 48 26.59 -13.91 18.22
N ASP D 49 27.79 -13.35 18.37
CA ASP D 49 28.65 -13.68 19.51
C ASP D 49 28.23 -12.98 20.79
N LEU D 50 27.29 -12.04 20.73
CA LEU D 50 26.90 -11.29 21.92
C LEU D 50 25.89 -12.04 22.78
N ARG D 51 26.06 -11.93 24.10
CA ARG D 51 25.08 -12.42 25.04
C ARG D 51 23.81 -11.56 24.97
N PRO D 52 22.70 -12.04 25.53
CA PRO D 52 21.45 -11.24 25.45
C PRO D 52 21.52 -9.89 26.14
N ASP D 53 22.12 -9.80 27.34
CA ASP D 53 22.21 -8.51 28.01
C ASP D 53 23.12 -7.54 27.24
N GLU D 54 24.14 -8.07 26.55
CA GLU D 54 24.97 -7.20 25.71
C GLU D 54 24.18 -6.68 24.52
N VAL D 55 23.30 -7.51 23.95
CA VAL D 55 22.48 -7.07 22.84
C VAL D 55 21.54 -5.96 23.30
N ALA D 56 20.88 -6.17 24.44
CA ALA D 56 20.01 -5.14 24.98
C ALA D 56 20.78 -3.85 25.23
N ASP D 57 21.88 -3.94 25.98
CA ASP D 57 22.67 -2.75 26.27
C ASP D 57 23.16 -2.09 24.99
N LEU D 58 23.66 -2.88 24.03
CA LEU D 58 24.22 -2.29 22.82
C LEU D 58 23.21 -1.39 22.12
N PHE D 59 21.95 -1.79 22.06
CA PHE D 59 20.97 -1.05 21.29
C PHE D 59 20.11 -0.10 22.10
N GLN D 60 19.95 -0.33 23.40
CA GLN D 60 19.45 0.72 24.26
C GLN D 60 20.41 1.90 24.26
N THR D 61 21.72 1.62 24.35
CA THR D 61 22.70 2.68 24.18
C THR D 61 22.58 3.33 22.81
N THR D 62 22.51 2.51 21.76
CA THR D 62 22.37 3.02 20.41
C THR D 62 21.16 3.94 20.27
N GLN D 63 20.05 3.58 20.94
CA GLN D 63 18.87 4.43 20.90
C GLN D 63 19.17 5.81 21.48
N ARG D 64 19.75 5.85 22.67
CA ARG D 64 20.06 7.12 23.31
C ARG D 64 21.05 7.93 22.49
N VAL D 65 22.06 7.27 21.92
CA VAL D 65 23.07 7.99 21.17
C VAL D 65 22.46 8.61 19.91
N GLY D 66 21.56 7.88 19.25
CA GLY D 66 20.95 8.42 18.04
C GLY D 66 20.17 9.68 18.30
N THR D 67 19.37 9.70 19.37
CA THR D 67 18.58 10.89 19.66
C THR D 67 19.47 12.09 19.97
N VAL D 68 20.61 11.85 20.60
CA VAL D 68 21.52 12.94 20.94
C VAL D 68 22.19 13.49 19.69
N VAL D 69 22.70 12.61 18.84
CA VAL D 69 23.39 13.08 17.64
C VAL D 69 22.38 13.68 16.67
N GLU D 70 21.14 13.17 16.65
CA GLU D 70 20.11 13.77 15.81
C GLU D 70 19.91 15.24 16.17
N LYS D 71 19.78 15.54 17.46
CA LYS D 71 19.59 16.93 17.88
C LYS D 71 20.86 17.76 17.68
N HIS D 72 22.00 17.24 18.11
CA HIS D 72 23.22 18.04 18.14
C HIS D 72 23.62 18.49 16.72
N PHE D 73 23.46 17.60 15.75
CA PHE D 73 23.80 17.88 14.36
C PHE D 73 22.60 18.30 13.53
N HIS D 74 21.48 18.59 14.18
CA HIS D 74 20.28 19.14 13.53
C HIS D 74 19.80 18.21 12.42
N GLY D 75 19.72 16.93 12.74
CA GLY D 75 19.10 15.99 11.85
C GLY D 75 17.61 15.87 12.12
N THR D 76 16.90 15.34 11.13
CA THR D 76 15.48 15.04 11.27
C THR D 76 15.19 13.55 11.16
N SER D 77 16.22 12.74 10.87
CA SER D 77 16.06 11.29 10.87
C SER D 77 17.43 10.68 11.17
N LEU D 78 17.45 9.36 11.31
CA LEU D 78 18.67 8.65 11.63
C LEU D 78 18.77 7.40 10.77
N THR D 79 20.00 7.06 10.38
CA THR D 79 20.31 5.79 9.76
C THR D 79 21.11 4.97 10.76
N PHE D 80 20.62 3.79 11.10
CA PHE D 80 21.35 2.82 11.91
C PHE D 80 21.77 1.68 11.00
N SER D 81 23.03 1.27 11.09
CA SER D 81 23.53 0.20 10.24
C SER D 81 24.64 -0.56 10.94
N MET D 82 24.60 -1.89 10.80
CA MET D 82 25.61 -2.78 11.35
C MET D 82 26.10 -3.69 10.24
N GLN D 83 27.40 -3.62 9.93
CA GLN D 83 28.01 -4.45 8.89
C GLN D 83 28.57 -5.70 9.58
N ASP D 84 27.72 -6.71 9.72
CA ASP D 84 28.01 -7.88 10.55
C ASP D 84 28.72 -8.96 9.75
N GLY D 85 30.03 -8.77 9.58
CA GLY D 85 30.85 -9.79 8.96
C GLY D 85 31.60 -9.31 7.74
N PRO D 86 32.59 -10.11 7.32
CA PRO D 86 33.48 -9.65 6.23
C PRO D 86 32.75 -9.31 4.94
N GLU D 87 31.80 -10.15 4.51
CA GLU D 87 31.11 -9.95 3.25
C GLU D 87 30.02 -8.90 3.31
N ALA D 88 29.83 -8.22 4.46
CA ALA D 88 28.94 -7.08 4.57
C ALA D 88 29.69 -5.77 4.74
N GLY D 89 31.03 -5.78 4.66
CA GLY D 89 31.84 -4.57 4.67
C GLY D 89 32.64 -4.34 5.93
N GLN D 90 32.58 -5.23 6.91
CA GLN D 90 33.27 -5.02 8.17
C GLN D 90 34.77 -4.93 7.93
N THR D 91 35.38 -3.84 8.42
CA THR D 91 36.83 -3.69 8.41
C THR D 91 37.44 -4.07 9.76
N VAL D 92 36.95 -3.45 10.83
CA VAL D 92 37.41 -3.73 12.19
C VAL D 92 36.60 -4.89 12.75
N LYS D 93 37.31 -5.90 13.24
CA LYS D 93 36.73 -7.15 13.74
C LYS D 93 36.22 -6.92 15.16
N HIS D 94 35.14 -6.14 15.25
CA HIS D 94 34.55 -5.74 16.52
C HIS D 94 33.15 -5.25 16.17
N VAL D 95 32.13 -5.81 16.82
CA VAL D 95 30.76 -5.41 16.54
C VAL D 95 30.64 -3.91 16.74
N ASN D 96 30.08 -3.21 15.76
CA ASN D 96 29.89 -1.77 15.92
C ASN D 96 28.66 -1.35 15.13
N VAL D 97 27.87 -0.47 15.74
CA VAL D 97 26.66 0.07 15.12
C VAL D 97 26.94 1.48 14.64
N HIS D 98 26.67 1.72 13.35
CA HIS D 98 26.78 3.05 12.77
C HIS D 98 25.52 3.85 13.03
N VAL D 99 25.70 5.08 13.51
CA VAL D 99 24.60 5.99 13.79
C VAL D 99 24.88 7.28 13.02
N LEU D 100 24.02 7.61 12.07
CA LEU D 100 24.24 8.76 11.21
C LEU D 100 23.05 9.71 11.27
N PRO D 101 23.23 10.97 11.66
CA PRO D 101 22.15 11.95 11.50
C PRO D 101 21.91 12.25 10.04
N ARG D 102 20.64 12.37 9.67
CA ARG D 102 20.24 12.61 8.29
C ARG D 102 19.49 13.91 8.18
N LYS D 103 19.74 14.66 7.10
CA LYS D 103 19.03 15.89 6.83
C LYS D 103 18.48 15.80 5.40
N ALA D 104 17.37 16.46 5.15
CA ALA D 104 16.83 16.54 3.79
C ALA D 104 17.92 16.97 2.81
N GLY D 105 18.13 16.16 1.78
CA GLY D 105 19.02 16.52 0.71
C GLY D 105 20.48 16.22 0.94
N ASP D 106 20.83 15.51 2.02
CA ASP D 106 22.25 15.25 2.27
C ASP D 106 22.82 14.36 1.17
N PHE D 107 22.09 13.30 0.81
CA PHE D 107 22.37 12.46 -0.34
C PHE D 107 21.17 12.65 -1.26
N HIS D 108 21.39 13.01 -2.53
CA HIS D 108 20.24 13.06 -3.43
C HIS D 108 19.54 11.70 -3.52
N ARG D 109 20.30 10.61 -3.40
CA ARG D 109 19.77 9.25 -3.37
C ARG D 109 19.99 8.68 -1.97
N ASN D 110 18.89 8.37 -1.27
CA ASN D 110 19.02 7.87 0.10
C ASN D 110 19.79 6.55 0.17
N ASP D 111 19.81 5.78 -0.92
CA ASP D 111 20.43 4.46 -0.98
C ASP D 111 21.91 4.51 -1.37
N SER D 112 22.51 5.71 -1.41
CA SER D 112 23.93 5.86 -1.67
C SER D 112 24.73 6.11 -0.40
N ILE D 113 24.08 6.03 0.77
CA ILE D 113 24.78 6.11 2.05
C ILE D 113 25.30 4.76 2.50
N TYR D 114 24.87 3.67 1.85
CA TYR D 114 25.39 2.34 2.15
C TYR D 114 26.59 1.99 1.27
N GLU D 115 26.67 2.55 0.07
CA GLU D 115 27.94 2.53 -0.64
C GLU D 115 29.01 3.20 0.21
N GLU D 116 28.70 4.35 0.79
CA GLU D 116 29.69 5.11 1.56
C GLU D 116 30.10 4.38 2.84
N LEU D 117 29.17 3.68 3.48
CA LEU D 117 29.52 2.95 4.69
C LEU D 117 30.38 1.74 4.36
N GLN D 118 30.07 1.02 3.27
CA GLN D 118 30.83 -0.16 2.91
C GLN D 118 32.27 0.17 2.50
N LYS D 119 32.55 1.43 2.16
CA LYS D 119 33.92 1.89 1.89
C LYS D 119 34.39 2.72 3.08
N HIS D 120 34.61 2.01 4.19
CA HIS D 120 34.89 2.63 5.48
C HIS D 120 36.01 3.64 5.46
N SER D 128 43.88 12.22 5.34
CA SER D 128 42.54 11.72 5.03
C SER D 128 41.70 11.56 6.28
N TRP D 129 42.35 11.66 7.44
CA TRP D 129 41.68 11.47 8.71
C TRP D 129 41.47 12.80 9.40
N ARG D 130 40.54 12.81 10.36
CA ARG D 130 40.34 13.97 11.19
C ARG D 130 41.44 14.04 12.25
N SER D 131 41.65 15.23 12.78
CA SER D 131 42.69 15.44 13.77
C SER D 131 42.23 14.97 15.16
N GLU D 132 43.22 14.64 15.98
CA GLU D 132 42.94 14.22 17.36
C GLU D 132 42.16 15.30 18.10
N GLU D 133 42.53 16.57 17.90
CA GLU D 133 41.85 17.65 18.60
C GLU D 133 40.41 17.80 18.12
N GLU D 134 40.20 17.71 16.80
CA GLU D 134 38.85 17.77 16.25
C GLU D 134 37.99 16.64 16.79
N MET D 135 38.53 15.42 16.88
CA MET D 135 37.74 14.31 17.38
C MET D 135 37.45 14.45 18.86
N ALA D 136 38.47 14.83 19.66
CA ALA D 136 38.24 15.01 21.09
C ALA D 136 37.28 16.16 21.36
N ALA D 137 37.29 17.20 20.53
CA ALA D 137 36.35 18.29 20.70
C ALA D 137 34.91 17.80 20.48
N GLU D 138 34.70 17.00 19.45
CA GLU D 138 33.37 16.48 19.17
C GLU D 138 32.88 15.56 20.28
N ALA D 139 33.72 14.62 20.70
CA ALA D 139 33.33 13.71 21.78
C ALA D 139 33.06 14.48 23.07
N ALA D 140 33.92 15.44 23.43
CA ALA D 140 33.71 16.20 24.65
C ALA D 140 32.36 16.92 24.63
N ALA D 141 31.96 17.44 23.46
CA ALA D 141 30.67 18.10 23.35
C ALA D 141 29.53 17.11 23.58
N LEU D 142 29.63 15.90 22.99
CA LEU D 142 28.56 14.94 23.12
C LEU D 142 28.45 14.41 24.55
N ARG D 143 29.56 14.39 25.29
CA ARG D 143 29.55 13.92 26.67
C ARG D 143 28.56 14.70 27.53
N VAL D 144 28.36 15.98 27.19
CA VAL D 144 27.50 16.85 27.98
C VAL D 144 26.07 16.33 28.02
N TYR D 145 25.63 15.60 26.99
CA TYR D 145 24.26 15.12 26.93
C TYR D 145 23.98 13.95 27.88
N PHE D 146 25.02 13.27 28.36
CA PHE D 146 24.87 12.11 29.24
C PHE D 146 25.27 12.47 30.66
N GLN D 147 25.12 13.75 31.02
CA GLN D 147 25.32 14.33 32.35
C GLN D 147 26.54 15.26 32.32
N 6BI E . 7.21 -3.98 2.69
C 6BI E . 9.33 -3.00 1.76
O 6BI E . 9.64 -3.72 0.56
C1 6BI E . 10.60 -2.55 2.49
C10 6BI E . 0.71 -5.00 1.58
C17 6BI E . 5.74 -7.18 2.93
C2 6BI E . 10.16 -2.51 3.96
C3 6BI E . 9.88 -1.13 4.49
C4 6BI E . 8.66 -3.90 2.79
C5 6BI E . 6.36 -2.91 2.56
C6 6BI E . 6.41 -5.09 2.76
C7 6BI E . 5.11 -4.62 2.69
C8 6BI E . 4.08 -5.59 2.75
C9 6BI E . 1.68 -5.98 2.21
N1 6BI E . 5.09 -3.24 2.56
N2 6BI E . 2.78 -5.24 2.80
N4 6BI E . 4.43 -6.88 2.88
N5 6BI E . 6.79 -6.37 2.89
O1 6BI E . 11.71 -3.41 2.30
O11 6BI E . 10.23 1.72 5.54
O12 6BI E . 8.97 -3.33 4.06
O2 6BI E . 11.13 -0.53 4.87
O3 6BI E . 12.71 1.14 5.81
O4 6BI E . 11.74 1.43 3.51
P 6BI E . 11.41 1.00 5.01
C11 6BI E . -0.43 -5.59 0.77
C12 6BI E . -1.19 -4.54 -0.06
C13 6BI E . -2.40 -5.10 -0.81
C14 6BI E . -3.06 -4.13 -1.76
N3 6BI E . -3.49 -2.91 -1.10
C15 6BI E . -4.46 -2.88 -0.19
C16 6BI E . -4.84 -1.52 0.36
O5 6BI E . -5.04 -3.88 0.20
NA NA F . 10.44 1.50 8.23
N 6BI G . -27.48 1.48 -27.29
C 6BI G . -24.98 1.65 -27.10
O 6BI G . -24.39 0.63 -27.90
C1 6BI G . -24.10 1.90 -25.85
C10 6BI G . -33.54 1.88 -30.77
C17 6BI G . -29.87 -1.10 -27.68
C2 6BI G . -25.12 2.24 -24.76
C3 6BI G . -25.10 3.69 -24.29
C4 6BI G . -26.30 1.19 -26.48
C5 6BI G . -27.79 2.70 -27.83
C6 6BI G . -28.55 0.67 -27.57
C7 6BI G . -29.46 1.46 -28.24
C8 6BI G . -30.67 0.84 -28.63
C9 6BI G . -32.82 0.91 -29.85
N1 6BI G . -28.97 2.75 -28.40
N2 6BI G . -31.64 1.51 -29.28
N4 6BI G . -30.84 -0.46 -28.34
N5 6BI G . -28.69 -0.62 -27.26
O1 6BI G . -23.37 0.73 -25.49
O11 6BI G . -22.83 5.54 -21.88
O12 6BI G . -26.42 1.92 -25.27
O2 6BI G . -23.91 3.89 -23.49
O3 6BI G . -24.08 6.34 -23.94
O4 6BI G . -21.84 5.26 -24.19
P 6BI G . -23.17 5.29 -23.30
C TRS H . -10.02 2.82 -13.17
C1 TRS H . -8.85 2.98 -12.14
C2 TRS H . -9.29 2.41 -14.50
C3 TRS H . -10.48 4.29 -13.49
N TRS H . -11.26 1.93 -12.48
O1 TRS H . -7.84 1.99 -12.33
O2 TRS H . -8.36 3.41 -14.95
O3 TRS H . -11.21 4.74 -12.37
H11 TRS H . -9.25 2.90 -11.13
H12 TRS H . -8.41 3.97 -12.25
H21 TRS H . -10.02 2.25 -15.28
H22 TRS H . -8.76 1.48 -14.34
H31 TRS H . -11.11 4.30 -14.39
H32 TRS H . -9.62 4.93 -13.68
HN1 TRS H . -12.05 2.41 -12.05
HN2 TRS H . -11.07 1.29 -11.72
HN3 TRS H . -11.80 1.29 -13.06
HO1 TRS H . -7.54 1.67 -11.46
HO2 TRS H . -7.91 3.11 -15.76
HO3 TRS H . -12.03 5.18 -12.67
NA NA I . -25.67 6.96 -19.99
NA NA J . -25.99 6.14 -22.74
N 6BI K . -5.64 2.50 -3.18
C 6BI K . -5.79 2.42 -5.69
O 6BI K . -4.92 3.47 -6.13
C1 6BI K . -7.02 2.27 -6.58
C10 6BI K . -2.34 2.42 3.02
C17 6BI K . -5.82 4.86 -0.56
C2 6BI K . -8.04 1.66 -5.61
C3 6BI K . -8.15 0.16 -5.65
C4 6BI K . -6.43 2.81 -4.37
C5 6BI K . -4.90 1.36 -2.95
C6 6BI K . -5.54 3.24 -2.04
C7 6BI K . -4.76 2.51 -1.16
C8 6BI K . -4.54 3.08 0.10
C9 6BI K . -3.58 3.01 2.38
N1 6BI K . -4.35 1.33 -1.76
N2 6BI K . -3.80 2.46 1.05
N4 6BI K . -5.09 4.26 0.39
N5 6BI K . -6.10 4.43 -1.79
O1 6BI K . -7.50 3.52 -7.05
O11 6BI K . -9.37 -2.69 -6.64
O12 6BI K . -7.64 2.08 -4.29
O2 6BI K . -9.17 -0.18 -6.63
O3 6BI K . -8.00 -1.48 -8.40
O4 6BI K . -10.50 -1.34 -8.45
P 6BI K . -9.24 -1.50 -7.50
C11 6BI K . -1.08 2.67 2.22
C12 6BI K . 0.19 2.22 2.94
C13 6BI K . 1.47 2.63 2.22
C14 6BI K . 2.72 2.29 3.02
N3 6BI K . 2.82 0.87 3.30
C15 6BI K . 2.54 0.35 4.49
C16 6BI K . 2.58 -1.15 4.62
O5 6BI K . 2.26 1.03 5.46
N 6BI L . 37.45 3.59 12.84
C 6BI L . 36.38 3.42 10.58
O 6BI L . 36.71 4.64 9.91
C1 6BI L . 34.99 2.89 10.18
C10 6BI L . 43.00 4.63 17.06
C17 6BI L . 37.84 6.04 15.37
C2 6BI L . 34.55 2.13 11.43
C3 6BI L . 34.65 0.62 11.34
C4 6BI L . 36.20 3.65 12.07
C5 6BI L . 38.47 2.70 12.69
C6 6BI L . 37.83 4.42 13.87
C7 6BI L . 39.07 3.97 14.28
C8 6BI L . 39.69 4.68 15.33
C9 6BI L . 41.61 5.16 16.79
N1 6BI L . 39.47 2.88 13.52
N2 6BI L . 40.91 4.37 15.80
N4 6BI L . 39.04 5.72 15.87
N5 6BI L . 37.16 5.46 14.39
O1 6BI L . 34.08 3.94 9.86
O11 6BI L . 31.57 -1.46 9.96
O12 6BI L . 35.35 2.62 12.52
O2 6BI L . 33.36 0.07 10.99
O3 6BI L . 33.54 -0.71 8.56
O4 6BI L . 33.88 -2.36 10.42
P 6BI L . 33.02 -1.17 10.00
#